data_4MG7
#
_entry.id   4MG7
#
_cell.length_a   54.550
_cell.length_b   81.620
_cell.length_c   58.480
_cell.angle_alpha   90.00
_cell.angle_beta   109.78
_cell.angle_gamma   90.00
#
_symmetry.space_group_name_H-M   'P 1 21 1'
#
loop_
_entity.id
_entity.type
_entity.pdbx_description
1 polymer 'Estrogen receptor'
2 polymer 'Estrogen receptor'
3 polymer 'Nuclear receptor coactivator 1'
4 non-polymer ferutinine
5 non-polymer 1,2-ETHANEDIOL
6 water water
#
loop_
_entity_poly.entity_id
_entity_poly.type
_entity_poly.pdbx_seq_one_letter_code
_entity_poly.pdbx_strand_id
1 'polypeptide(L)'
;GSHMKKNSLALSLTADQMVSALLDAEPPILYSEYDPTRPFSEASMMGLLTNLADRELVHMINWAKRVPGFVDLTLHDQVH
LLE(CSO)AWLEILMIGLVWRSMEHPGKLLFAPNLLLDRNQGKCVEGMVEIFDMLLATSSRFRMMNLQGEEFVCLKSIIL
LNSGVYTFLSSTLKSLEEKDHIHRVLDKITDTLIHLMAKAGLTLQQQHQRLAQLLLILSHIRHMSNKGMEHLYSMKCKNV
VPLSDLLLEMLDAHRLHAP
;
A
2 'polypeptide(L)'
;GSHMKKNSLALSLTADQMVSALLDAEPPILYSEYDPTRPFSEASMMGLLTNLADRELVHMINWAKRVPGFVDLTLHDQVH
LLE(CSO)AWLEILMIGLVWRSMEHPGKLLFAPNLLLDRNQGK(CSO)VEGMVEIFDMLLATSSRFRMMNLQGEEFVCLK
SIILLNSGVYTFLSSTLKSLEEKDHIHRVLDKITDTLIHLMAKAGLTLQQQHQRLAQLLLILSHIRHMSNKGMEHLYSMK
(CSO)KNVVPLSDLLLEMLDAHRLHAP
;
B
3 'polypeptide(L)' RHKILHRLLQEGS C,D
#
loop_
_chem_comp.id
_chem_comp.type
_chem_comp.name
_chem_comp.formula
27H non-polymer ferutinine 'C22 H30 O4'
EDO non-polymer 1,2-ETHANEDIOL 'C2 H6 O2'
#
# COMPACT_ATOMS: atom_id res chain seq x y z
N SER A 8 -13.45 17.87 -19.84
CA SER A 8 -12.73 17.73 -18.57
C SER A 8 -11.75 18.87 -18.35
N LEU A 9 -12.06 19.73 -17.39
CA LEU A 9 -11.19 20.86 -17.07
C LEU A 9 -9.91 20.40 -16.39
N ALA A 10 -9.94 19.20 -15.83
CA ALA A 10 -8.81 18.67 -15.09
C ALA A 10 -7.59 18.43 -15.99
N LEU A 11 -7.80 17.71 -17.09
CA LEU A 11 -6.72 17.35 -17.99
C LEU A 11 -6.10 18.55 -18.67
N SER A 12 -6.81 19.68 -18.67
CA SER A 12 -6.36 20.88 -19.36
C SER A 12 -5.45 21.74 -18.50
N LEU A 13 -5.44 21.49 -17.20
CA LEU A 13 -4.64 22.28 -16.27
C LEU A 13 -3.14 22.11 -16.47
N THR A 14 -2.41 23.20 -16.25
CA THR A 14 -0.95 23.13 -16.23
C THR A 14 -0.49 22.68 -14.85
N ALA A 15 0.79 22.34 -14.72
CA ALA A 15 1.33 21.89 -13.44
C ALA A 15 1.10 22.92 -12.34
N ASP A 16 1.43 24.18 -12.63
CA ASP A 16 1.27 25.23 -11.64
CA ASP A 16 1.28 25.26 -11.66
C ASP A 16 -0.19 25.44 -11.28
N GLN A 17 -1.06 25.35 -12.28
CA GLN A 17 -2.49 25.48 -12.04
C GLN A 17 -3.00 24.34 -11.16
N MET A 18 -2.47 23.15 -11.38
CA MET A 18 -2.81 21.99 -10.56
C MET A 18 -2.46 22.21 -9.10
N VAL A 19 -1.23 22.66 -8.86
CA VAL A 19 -0.77 22.92 -7.50
C VAL A 19 -1.57 24.03 -6.83
N SER A 20 -1.84 25.10 -7.58
CA SER A 20 -2.63 26.21 -7.07
CA SER A 20 -2.63 26.21 -7.07
C SER A 20 -4.02 25.74 -6.66
N ALA A 21 -4.65 24.97 -7.53
CA ALA A 21 -5.99 24.45 -7.26
C ALA A 21 -5.99 23.56 -6.02
N LEU A 22 -4.97 22.73 -5.88
CA LEU A 22 -4.87 21.84 -4.72
C LEU A 22 -4.61 22.62 -3.44
N LEU A 23 -3.75 23.63 -3.51
CA LEU A 23 -3.45 24.46 -2.34
C LEU A 23 -4.69 25.24 -1.88
N ASP A 24 -5.42 25.79 -2.84
CA ASP A 24 -6.63 26.57 -2.53
CA ASP A 24 -6.62 26.57 -2.53
C ASP A 24 -7.72 25.70 -1.92
N ALA A 25 -7.68 24.40 -2.21
CA ALA A 25 -8.70 23.47 -1.76
C ALA A 25 -8.43 22.86 -0.39
N GLU A 26 -7.29 23.19 0.19
CA GLU A 26 -6.89 22.63 1.48
C GLU A 26 -7.94 22.90 2.57
N PRO A 27 -8.33 21.84 3.29
CA PRO A 27 -9.25 21.98 4.43
C PRO A 27 -8.53 22.62 5.61
N PRO A 28 -9.27 23.12 6.60
CA PRO A 28 -8.67 23.78 7.76
C PRO A 28 -8.19 22.81 8.83
N ILE A 29 -7.39 23.31 9.77
CA ILE A 29 -7.00 22.52 10.92
C ILE A 29 -7.98 22.78 12.06
N LEU A 30 -8.63 21.72 12.52
CA LEU A 30 -9.70 21.83 13.52
C LEU A 30 -9.18 21.64 14.94
N TYR A 31 -9.95 22.11 15.91
CA TYR A 31 -9.58 21.95 17.32
C TYR A 31 -10.29 20.76 17.93
N SER A 32 -9.65 20.15 18.94
CA SER A 32 -10.28 19.10 19.71
C SER A 32 -10.94 19.71 20.93
N GLU A 33 -11.64 18.89 21.71
CA GLU A 33 -12.27 19.37 22.94
C GLU A 33 -11.41 19.05 24.15
N TYR A 34 -10.12 18.79 23.92
CA TYR A 34 -9.20 18.47 25.01
C TYR A 34 -9.14 19.59 26.05
N ASP A 35 -9.05 19.20 27.32
CA ASP A 35 -8.98 20.12 28.43
C ASP A 35 -8.00 19.57 29.47
N PRO A 36 -6.88 20.26 29.67
CA PRO A 36 -5.84 19.76 30.58
C PRO A 36 -6.30 19.72 32.03
N THR A 37 -7.37 20.43 32.35
CA THR A 37 -7.89 20.43 33.71
C THR A 37 -8.91 19.32 33.91
N ARG A 38 -9.29 18.66 32.82
CA ARG A 38 -10.24 17.56 32.87
C ARG A 38 -9.52 16.21 32.73
N PRO A 39 -9.82 15.27 33.64
CA PRO A 39 -9.19 13.95 33.57
C PRO A 39 -9.79 13.13 32.43
N PHE A 40 -8.95 12.37 31.74
CA PHE A 40 -9.41 11.52 30.65
C PHE A 40 -9.02 10.06 30.87
N SER A 41 -9.94 9.16 30.53
CA SER A 41 -9.62 7.75 30.48
C SER A 41 -9.13 7.42 29.08
N GLU A 42 -8.61 6.22 28.88
CA GLU A 42 -8.17 5.80 27.56
C GLU A 42 -9.32 5.94 26.57
N ALA A 43 -10.53 5.65 27.04
CA ALA A 43 -11.72 5.67 26.18
C ALA A 43 -12.21 7.08 25.87
N SER A 44 -12.12 7.97 26.85
CA SER A 44 -12.57 9.35 26.64
C SER A 44 -11.54 10.12 25.82
N MET A 45 -10.26 9.79 25.98
CA MET A 45 -9.22 10.36 25.15
C MET A 45 -9.46 9.94 23.70
N MET A 46 -9.72 8.66 23.50
CA MET A 46 -10.05 8.14 22.18
C MET A 46 -11.31 8.79 21.65
N GLY A 47 -12.19 9.19 22.56
CA GLY A 47 -13.42 9.88 22.20
C GLY A 47 -13.14 11.24 21.60
N LEU A 48 -12.11 11.91 22.11
CA LEU A 48 -11.67 13.18 21.54
C LEU A 48 -11.27 12.99 20.07
N LEU A 49 -10.60 11.89 19.79
CA LEU A 49 -10.06 11.63 18.45
C LEU A 49 -11.14 11.24 17.44
N THR A 50 -12.09 10.42 17.87
CA THR A 50 -13.16 10.00 16.98
C THR A 50 -14.10 11.17 16.67
N ASN A 51 -14.30 12.03 17.65
CA ASN A 51 -15.06 13.26 17.45
C ASN A 51 -14.38 14.17 16.44
N LEU A 52 -13.08 14.34 16.59
CA LEU A 52 -12.28 15.16 15.71
C LEU A 52 -12.23 14.59 14.30
N ALA A 53 -12.01 13.28 14.20
CA ALA A 53 -11.95 12.61 12.92
C ALA A 53 -13.26 12.78 12.15
N ASP A 54 -14.38 12.64 12.85
CA ASP A 54 -15.69 12.81 12.25
C ASP A 54 -15.81 14.19 11.60
N ARG A 55 -15.42 15.22 12.33
CA ARG A 55 -15.48 16.58 11.83
C ARG A 55 -14.52 16.82 10.66
N GLU A 56 -13.34 16.22 10.72
CA GLU A 56 -12.39 16.30 9.61
C GLU A 56 -12.95 15.65 8.35
N LEU A 57 -13.74 14.60 8.55
CA LEU A 57 -14.33 13.87 7.42
C LEU A 57 -15.27 14.75 6.62
N VAL A 58 -16.08 15.54 7.31
CA VAL A 58 -17.02 16.44 6.65
C VAL A 58 -16.28 17.43 5.75
N HIS A 59 -15.16 17.94 6.25
CA HIS A 59 -14.32 18.83 5.45
C HIS A 59 -13.63 18.09 4.31
N MET A 60 -13.27 16.83 4.55
CA MET A 60 -12.59 16.04 3.53
C MET A 60 -13.51 15.81 2.34
N ILE A 61 -14.75 15.45 2.62
CA ILE A 61 -15.72 15.17 1.57
C ILE A 61 -15.88 16.37 0.64
N ASN A 62 -15.91 17.57 1.21
CA ASN A 62 -16.03 18.78 0.39
C ASN A 62 -14.71 19.18 -0.27
N TRP A 63 -13.60 18.83 0.35
CA TRP A 63 -12.28 19.00 -0.27
C TRP A 63 -12.15 18.14 -1.52
N ALA A 64 -12.63 16.90 -1.42
CA ALA A 64 -12.56 15.95 -2.52
C ALA A 64 -13.23 16.53 -3.77
N LYS A 65 -14.32 17.25 -3.58
CA LYS A 65 -15.04 17.88 -4.68
C LYS A 65 -14.18 18.86 -5.47
N ARG A 66 -13.15 19.39 -4.81
CA ARG A 66 -12.30 20.41 -5.43
C ARG A 66 -11.03 19.82 -6.00
N VAL A 67 -10.86 18.50 -5.89
CA VAL A 67 -9.74 17.82 -6.52
C VAL A 67 -10.06 17.59 -7.99
N PRO A 68 -9.24 18.17 -8.88
CA PRO A 68 -9.47 18.09 -10.32
C PRO A 68 -9.78 16.68 -10.81
N GLY A 69 -10.94 16.48 -11.40
CA GLY A 69 -11.30 15.20 -11.99
C GLY A 69 -12.26 14.39 -11.15
N PHE A 70 -12.30 14.65 -9.85
CA PHE A 70 -13.12 13.85 -8.95
C PHE A 70 -14.61 13.95 -9.26
N VAL A 71 -15.08 15.16 -9.53
CA VAL A 71 -16.50 15.36 -9.83
C VAL A 71 -16.84 14.95 -11.26
N ASP A 72 -15.82 14.70 -12.07
CA ASP A 72 -16.02 14.16 -13.42
C ASP A 72 -16.47 12.71 -13.33
N LEU A 73 -16.42 12.16 -12.12
CA LEU A 73 -16.81 10.77 -11.90
C LEU A 73 -18.26 10.66 -11.44
N THR A 74 -18.89 9.52 -11.75
CA THR A 74 -20.24 9.25 -11.28
C THR A 74 -20.26 9.32 -9.76
N LEU A 75 -21.44 9.53 -9.20
CA LEU A 75 -21.61 9.62 -7.75
C LEU A 75 -21.21 8.31 -7.09
N HIS A 76 -21.55 7.20 -7.72
CA HIS A 76 -21.24 5.88 -7.18
C HIS A 76 -19.73 5.65 -7.10
N ASP A 77 -18.99 6.20 -8.04
CA ASP A 77 -17.54 6.04 -8.06
C ASP A 77 -16.86 6.96 -7.05
N GLN A 78 -17.37 8.17 -6.90
CA GLN A 78 -16.88 9.08 -5.88
C GLN A 78 -17.05 8.46 -4.50
N VAL A 79 -18.26 7.97 -4.23
CA VAL A 79 -18.54 7.28 -2.97
C VAL A 79 -17.53 6.18 -2.71
N HIS A 80 -17.28 5.35 -3.71
CA HIS A 80 -16.35 4.23 -3.57
C HIS A 80 -14.94 4.69 -3.26
N LEU A 81 -14.46 5.70 -3.97
CA LEU A 81 -13.10 6.20 -3.77
C LEU A 81 -12.91 6.77 -2.35
N LEU A 82 -13.87 7.57 -1.90
CA LEU A 82 -13.78 8.15 -0.57
C LEU A 82 -13.90 7.09 0.52
N GLU A 83 -14.75 6.10 0.29
CA GLU A 83 -14.93 5.02 1.26
C GLU A 83 -13.65 4.24 1.46
N CSO A 84 -12.87 4.09 0.40
CA CSO A 84 -11.65 3.29 0.48
CA CSO A 84 -11.64 3.31 0.48
CB CSO A 84 -11.35 2.65 -0.88
CB CSO A 84 -11.30 2.65 -0.86
SG CSO A 84 -9.73 1.85 -0.86
SG CSO A 84 -12.67 1.60 -1.41
C CSO A 84 -10.45 4.12 0.99
O CSO A 84 -9.59 3.60 1.68
OD CSO A 84 -9.93 0.15 -0.37
OD CSO A 84 -12.43 -0.05 -0.78
N ALA A 85 -10.43 5.41 0.65
CA ALA A 85 -9.27 6.24 0.98
C ALA A 85 -9.38 7.12 2.23
N TRP A 86 -10.56 7.22 2.82
CA TRP A 86 -10.80 8.21 3.87
C TRP A 86 -9.78 8.16 5.03
N LEU A 87 -9.53 6.97 5.56
CA LEU A 87 -8.62 6.84 6.69
C LEU A 87 -7.17 7.13 6.31
N GLU A 88 -6.76 6.72 5.10
CA GLU A 88 -5.43 7.04 4.60
C GLU A 88 -5.23 8.55 4.55
N ILE A 89 -6.25 9.25 4.07
CA ILE A 89 -6.20 10.69 3.93
C ILE A 89 -6.15 11.40 5.29
N LEU A 90 -6.99 10.97 6.23
CA LEU A 90 -6.94 11.50 7.58
C LEU A 90 -5.55 11.31 8.19
N MET A 91 -4.97 10.14 7.96
CA MET A 91 -3.68 9.80 8.55
C MET A 91 -2.52 10.61 7.98
N ILE A 92 -2.45 10.70 6.65
CA ILE A 92 -1.38 11.48 6.03
C ILE A 92 -1.50 12.95 6.41
N GLY A 93 -2.74 13.40 6.62
CA GLY A 93 -2.98 14.75 7.10
C GLY A 93 -2.41 14.92 8.51
N LEU A 94 -2.64 13.93 9.36
CA LEU A 94 -2.13 13.94 10.72
C LEU A 94 -0.60 13.96 10.73
N VAL A 95 0.00 13.11 9.93
CA VAL A 95 1.46 13.04 9.82
C VAL A 95 2.03 14.38 9.34
N TRP A 96 1.35 15.00 8.39
CA TRP A 96 1.77 16.29 7.86
C TRP A 96 1.76 17.38 8.93
N ARG A 97 0.73 17.37 9.79
CA ARG A 97 0.65 18.31 10.90
C ARG A 97 1.77 18.09 11.92
N SER A 98 2.21 16.85 12.05
CA SER A 98 3.15 16.47 13.11
C SER A 98 4.61 16.58 12.66
N MET A 99 4.81 16.92 11.40
CA MET A 99 6.14 16.95 10.81
C MET A 99 7.12 17.81 11.61
N GLU A 100 6.65 18.95 12.08
CA GLU A 100 7.50 19.89 12.82
C GLU A 100 7.57 19.58 14.31
N HIS A 101 7.06 18.42 14.70
CA HIS A 101 7.04 18.03 16.12
C HIS A 101 7.59 16.63 16.33
N PRO A 102 8.92 16.49 16.30
CA PRO A 102 9.59 15.19 16.49
C PRO A 102 9.08 14.46 17.73
N GLY A 103 8.70 13.19 17.55
CA GLY A 103 8.27 12.35 18.66
C GLY A 103 6.83 12.55 19.09
N LYS A 104 6.14 13.49 18.46
CA LYS A 104 4.76 13.78 18.85
C LYS A 104 3.80 13.79 17.66
N LEU A 105 2.52 13.59 17.96
CA LEU A 105 1.48 13.66 16.95
C LEU A 105 0.54 14.82 17.25
N LEU A 106 0.42 15.73 16.28
CA LEU A 106 -0.44 16.89 16.45
C LEU A 106 -1.83 16.60 15.91
N PHE A 107 -2.65 15.94 16.73
CA PHE A 107 -4.03 15.65 16.34
C PHE A 107 -4.77 16.97 16.17
N ALA A 108 -4.41 17.95 17.00
CA ALA A 108 -4.98 19.30 16.91
C ALA A 108 -4.04 20.27 17.61
N PRO A 109 -4.16 21.57 17.29
CA PRO A 109 -3.30 22.58 17.93
C PRO A 109 -3.34 22.51 19.46
N ASN A 110 -4.46 22.06 20.03
CA ASN A 110 -4.59 21.94 21.48
C ASN A 110 -4.48 20.50 21.94
N LEU A 111 -4.00 19.62 21.06
CA LEU A 111 -3.84 18.21 21.40
C LEU A 111 -2.60 17.63 20.75
N LEU A 112 -1.47 17.74 21.44
CA LEU A 112 -0.19 17.23 20.96
C LEU A 112 0.30 16.15 21.88
N LEU A 113 0.28 14.90 21.40
CA LEU A 113 0.61 13.76 22.25
C LEU A 113 1.89 13.05 21.83
N ASP A 114 2.63 12.54 22.82
CA ASP A 114 3.74 11.64 22.54
C ASP A 114 3.29 10.20 22.77
N ARG A 115 4.17 9.24 22.53
CA ARG A 115 3.79 7.84 22.62
C ARG A 115 3.46 7.41 24.05
N ASN A 116 3.90 8.20 25.03
CA ASN A 116 3.65 7.89 26.43
C ASN A 116 2.18 7.86 26.80
N GLN A 117 1.44 8.88 26.36
CA GLN A 117 -0.01 8.94 26.60
C GLN A 117 -0.78 8.72 25.31
N GLU A 122 -2.98 2.43 24.83
CA GLU A 122 -4.03 1.43 25.05
C GLU A 122 -4.28 0.60 23.79
N GLY A 123 -3.25 -0.10 23.31
CA GLY A 123 -3.32 -0.83 22.07
C GLY A 123 -3.10 0.13 20.91
N MET A 124 -2.83 1.39 21.28
CA MET A 124 -2.70 2.48 20.33
C MET A 124 -1.24 2.67 19.92
N VAL A 125 -0.35 2.30 20.84
CA VAL A 125 1.09 2.48 20.67
C VAL A 125 1.63 2.01 19.32
N GLU A 126 1.24 0.81 18.90
CA GLU A 126 1.71 0.25 17.64
C GLU A 126 1.49 1.19 16.45
N ILE A 127 0.24 1.56 16.21
CA ILE A 127 -0.09 2.47 15.12
C ILE A 127 0.52 3.85 15.37
N PHE A 128 0.51 4.27 16.63
CA PHE A 128 1.11 5.55 17.02
C PHE A 128 2.54 5.63 16.52
N ASP A 129 3.29 4.55 16.74
CA ASP A 129 4.70 4.48 16.34
C ASP A 129 4.88 4.54 14.83
N MET A 130 3.97 3.90 14.10
CA MET A 130 4.02 3.91 12.64
C MET A 130 3.81 5.33 12.11
N LEU A 131 2.86 6.04 12.69
CA LEU A 131 2.60 7.42 12.31
C LEU A 131 3.83 8.29 12.58
N LEU A 132 4.46 8.08 13.73
CA LEU A 132 5.66 8.82 14.09
C LEU A 132 6.80 8.55 13.10
N ALA A 133 6.92 7.29 12.69
CA ALA A 133 7.95 6.90 11.73
C ALA A 133 7.73 7.58 10.39
N THR A 134 6.47 7.72 9.98
CA THR A 134 6.12 8.39 8.74
C THR A 134 6.44 9.87 8.83
N SER A 135 6.12 10.46 9.98
CA SER A 135 6.42 11.86 10.25
C SER A 135 7.92 12.09 10.17
N SER A 136 8.68 11.20 10.81
CA SER A 136 10.13 11.25 10.76
C SER A 136 10.61 11.17 9.31
N ARG A 137 9.95 10.32 8.54
CA ARG A 137 10.28 10.17 7.12
C ARG A 137 10.06 11.47 6.35
N PHE A 138 8.91 12.09 6.53
CA PHE A 138 8.62 13.36 5.88
C PHE A 138 9.69 14.39 6.21
N ARG A 139 10.02 14.49 7.49
CA ARG A 139 11.03 15.41 7.97
C ARG A 139 12.39 15.07 7.35
N MET A 140 12.70 13.78 7.32
CA MET A 140 13.95 13.30 6.74
C MET A 140 14.05 13.62 5.24
N MET A 141 12.90 13.69 4.58
CA MET A 141 12.87 14.01 3.15
C MET A 141 12.69 15.50 2.91
N ASN A 142 12.37 16.24 3.96
CA ASN A 142 12.02 17.65 3.82
C ASN A 142 10.84 17.80 2.87
N LEU A 143 9.78 17.04 3.14
CA LEU A 143 8.58 17.05 2.30
C LEU A 143 7.99 18.46 2.20
N GLN A 144 7.70 18.87 0.98
CA GLN A 144 7.17 20.21 0.72
C GLN A 144 5.64 20.22 0.62
N GLY A 145 5.04 21.34 1.01
CA GLY A 145 3.60 21.46 1.01
C GLY A 145 2.97 21.17 -0.34
N GLU A 146 3.64 21.59 -1.41
CA GLU A 146 3.16 21.35 -2.76
C GLU A 146 3.15 19.85 -3.08
N GLU A 147 4.13 19.13 -2.56
CA GLU A 147 4.23 17.70 -2.77
C GLU A 147 3.17 16.97 -1.96
N PHE A 148 2.96 17.44 -0.74
CA PHE A 148 1.97 16.85 0.16
C PHE A 148 0.56 16.85 -0.44
N VAL A 149 0.12 17.98 -0.97
CA VAL A 149 -1.22 18.06 -1.55
C VAL A 149 -1.35 17.14 -2.76
N CYS A 150 -0.25 16.96 -3.50
CA CYS A 150 -0.24 16.02 -4.62
C CYS A 150 -0.43 14.59 -4.11
N LEU A 151 0.36 14.21 -3.10
CA LEU A 151 0.27 12.88 -2.52
C LEU A 151 -1.16 12.55 -2.06
N LYS A 152 -1.79 13.52 -1.43
CA LYS A 152 -3.12 13.33 -0.86
C LYS A 152 -4.18 13.09 -1.95
N SER A 153 -4.09 13.84 -3.04
CA SER A 153 -5.00 13.66 -4.16
C SER A 153 -4.75 12.34 -4.88
N ILE A 154 -3.50 11.90 -4.89
CA ILE A 154 -3.13 10.61 -5.47
C ILE A 154 -3.79 9.46 -4.71
N ILE A 155 -3.78 9.54 -3.39
CA ILE A 155 -4.45 8.54 -2.55
C ILE A 155 -5.95 8.49 -2.86
N LEU A 156 -6.58 9.65 -2.95
CA LEU A 156 -8.02 9.72 -3.21
C LEU A 156 -8.37 8.97 -4.49
N LEU A 157 -7.59 9.18 -5.54
CA LEU A 157 -7.86 8.60 -6.84
C LEU A 157 -7.36 7.17 -6.98
N ASN A 158 -6.31 6.82 -6.26
CA ASN A 158 -5.64 5.54 -6.46
C ASN A 158 -6.14 4.37 -5.59
N SER A 159 -6.39 4.64 -4.31
CA SER A 159 -6.65 3.57 -3.35
C SER A 159 -7.77 2.60 -3.73
N GLY A 160 -8.84 3.12 -4.34
CA GLY A 160 -10.00 2.29 -4.65
C GLY A 160 -10.19 1.98 -6.12
N VAL A 161 -9.26 2.41 -6.96
CA VAL A 161 -9.42 2.29 -8.40
C VAL A 161 -9.41 0.84 -8.92
N TYR A 162 -8.81 -0.08 -8.18
CA TYR A 162 -8.75 -1.47 -8.59
C TYR A 162 -9.75 -2.37 -7.87
N THR A 163 -10.74 -1.76 -7.22
CA THR A 163 -11.78 -2.53 -6.53
C THR A 163 -13.18 -2.09 -6.94
N PHE A 164 -13.30 -1.46 -8.11
CA PHE A 164 -14.60 -1.10 -8.64
C PHE A 164 -15.39 -2.36 -9.01
N SER A 167 -17.93 -4.39 -14.24
CA SER A 167 -19.33 -4.21 -14.64
C SER A 167 -19.47 -4.25 -16.16
N THR A 168 -19.10 -3.13 -16.79
CA THR A 168 -19.19 -3.03 -18.24
C THR A 168 -17.92 -2.38 -18.79
N LEU A 169 -17.85 -2.26 -20.12
CA LEU A 169 -16.74 -1.55 -20.75
C LEU A 169 -16.91 -0.05 -20.50
N LYS A 170 -18.14 0.36 -20.24
CA LYS A 170 -18.43 1.75 -19.92
C LYS A 170 -17.86 2.09 -18.54
N SER A 171 -17.96 1.15 -17.62
CA SER A 171 -17.39 1.31 -16.28
C SER A 171 -15.87 1.30 -16.35
N LEU A 172 -15.33 0.73 -17.43
CA LEU A 172 -13.89 0.70 -17.64
C LEU A 172 -13.38 2.05 -18.13
N GLU A 173 -14.25 2.78 -18.84
CA GLU A 173 -13.90 4.11 -19.32
C GLU A 173 -13.65 5.06 -18.15
N GLU A 174 -14.43 4.89 -17.09
CA GLU A 174 -14.28 5.71 -15.89
C GLU A 174 -12.90 5.54 -15.28
N LYS A 175 -12.49 4.29 -15.07
CA LYS A 175 -11.18 4.01 -14.50
C LYS A 175 -10.07 4.62 -15.33
N ASP A 176 -10.27 4.66 -16.66
CA ASP A 176 -9.30 5.23 -17.57
C ASP A 176 -9.08 6.72 -17.31
N HIS A 177 -10.17 7.41 -16.98
CA HIS A 177 -10.10 8.84 -16.67
C HIS A 177 -9.25 9.07 -15.43
N ILE A 178 -9.42 8.21 -14.42
CA ILE A 178 -8.68 8.33 -13.19
C ILE A 178 -7.18 8.17 -13.43
N HIS A 179 -6.83 7.24 -14.33
CA HIS A 179 -5.42 7.00 -14.66
C HIS A 179 -4.79 8.21 -15.33
N ARG A 180 -5.56 8.90 -16.17
CA ARG A 180 -5.05 10.08 -16.84
C ARG A 180 -4.82 11.23 -15.86
N VAL A 181 -5.73 11.38 -14.91
CA VAL A 181 -5.55 12.40 -13.87
C VAL A 181 -4.34 12.05 -12.99
N LEU A 182 -4.21 10.78 -12.66
CA LEU A 182 -3.07 10.32 -11.87
C LEU A 182 -1.75 10.62 -12.58
N ASP A 183 -1.71 10.36 -13.89
CA ASP A 183 -0.52 10.66 -14.68
C ASP A 183 -0.22 12.15 -14.64
N LYS A 184 -1.28 12.96 -14.64
CA LYS A 184 -1.13 14.41 -14.63
C LYS A 184 -0.50 14.88 -13.31
N ILE A 185 -0.89 14.25 -12.22
CA ILE A 185 -0.35 14.60 -10.91
C ILE A 185 1.13 14.20 -10.81
N THR A 186 1.47 13.09 -11.43
CA THR A 186 2.86 12.66 -11.52
C THR A 186 3.67 13.73 -12.25
N ASP A 187 3.13 14.22 -13.36
CA ASP A 187 3.79 15.27 -14.13
C ASP A 187 4.01 16.50 -13.25
N THR A 188 3.04 16.79 -12.39
CA THR A 188 3.13 17.93 -11.49
C THR A 188 4.23 17.73 -10.46
N LEU A 189 4.31 16.53 -9.90
CA LEU A 189 5.37 16.20 -8.95
C LEU A 189 6.75 16.39 -9.57
N ILE A 190 6.93 15.87 -10.78
CA ILE A 190 8.20 16.01 -11.50
C ILE A 190 8.49 17.49 -11.73
N HIS A 191 7.48 18.23 -12.19
CA HIS A 191 7.60 19.67 -12.41
C HIS A 191 8.12 20.38 -11.17
N LEU A 192 7.55 20.06 -10.02
CA LEU A 192 7.95 20.68 -8.75
C LEU A 192 9.41 20.38 -8.41
N MET A 193 9.82 19.14 -8.62
CA MET A 193 11.20 18.73 -8.31
C MET A 193 12.21 19.38 -9.23
N ALA A 194 11.88 19.43 -10.53
CA ALA A 194 12.74 20.07 -11.50
C ALA A 194 12.99 21.53 -11.11
N LYS A 195 11.91 22.21 -10.74
CA LYS A 195 12.02 23.60 -10.31
C LYS A 195 12.89 23.73 -9.07
N ALA A 196 12.90 22.69 -8.24
CA ALA A 196 13.69 22.69 -7.02
C ALA A 196 15.19 22.54 -7.30
N GLY A 197 15.53 22.31 -8.56
CA GLY A 197 16.94 22.20 -8.95
C GLY A 197 17.49 20.79 -8.86
N LEU A 198 16.60 19.81 -8.71
CA LEU A 198 17.02 18.42 -8.66
C LEU A 198 17.42 17.90 -10.03
N THR A 199 18.47 17.10 -10.08
CA THR A 199 18.87 16.46 -11.33
C THR A 199 17.79 15.46 -11.71
N LEU A 200 17.83 14.99 -12.96
CA LEU A 200 16.85 14.03 -13.44
C LEU A 200 16.87 12.77 -12.58
N GLN A 201 18.06 12.31 -12.24
CA GLN A 201 18.21 11.13 -11.38
C GLN A 201 17.59 11.38 -10.01
N GLN A 202 17.79 12.58 -9.49
CA GLN A 202 17.25 12.96 -8.19
C GLN A 202 15.73 13.09 -8.22
N GLN A 203 15.21 13.55 -9.35
CA GLN A 203 13.76 13.69 -9.52
C GLN A 203 13.10 12.32 -9.49
N HIS A 204 13.73 11.36 -10.18
CA HIS A 204 13.18 10.01 -10.27
C HIS A 204 13.27 9.29 -8.93
N GLN A 205 14.34 9.55 -8.19
CA GLN A 205 14.54 8.92 -6.89
C GLN A 205 13.53 9.44 -5.86
N ARG A 206 13.39 10.76 -5.79
CA ARG A 206 12.46 11.37 -4.85
C ARG A 206 11.02 11.00 -5.17
N LEU A 207 10.70 10.90 -6.46
CA LEU A 207 9.36 10.47 -6.88
C LEU A 207 9.08 9.08 -6.33
N ALA A 208 10.06 8.18 -6.43
CA ALA A 208 9.90 6.83 -5.91
C ALA A 208 9.76 6.87 -4.40
N GLN A 209 10.62 7.64 -3.74
CA GLN A 209 10.58 7.78 -2.29
C GLN A 209 9.20 8.23 -1.81
N LEU A 210 8.65 9.23 -2.51
CA LEU A 210 7.33 9.76 -2.18
C LEU A 210 6.22 8.73 -2.33
N LEU A 211 6.24 8.00 -3.45
CA LEU A 211 5.18 7.04 -3.73
C LEU A 211 5.25 5.80 -2.84
N LEU A 212 6.45 5.41 -2.44
CA LEU A 212 6.60 4.27 -1.53
C LEU A 212 5.96 4.58 -0.17
N ILE A 213 5.89 5.87 0.16
CA ILE A 213 5.21 6.32 1.37
C ILE A 213 3.78 5.80 1.41
N LEU A 214 3.13 5.84 0.25
CA LEU A 214 1.72 5.48 0.14
C LEU A 214 1.47 4.02 0.53
N SER A 215 2.49 3.19 0.38
CA SER A 215 2.37 1.79 0.76
C SER A 215 2.24 1.66 2.27
N HIS A 216 3.06 2.41 2.99
CA HIS A 216 3.05 2.40 4.44
C HIS A 216 1.78 3.05 4.97
N ILE A 217 1.31 4.09 4.27
CA ILE A 217 0.08 4.75 4.65
C ILE A 217 -1.12 3.83 4.47
N ARG A 218 -1.14 3.08 3.37
CA ARG A 218 -2.19 2.09 3.18
C ARG A 218 -2.15 1.05 4.30
N HIS A 219 -0.95 0.69 4.72
CA HIS A 219 -0.79 -0.31 5.78
C HIS A 219 -1.35 0.20 7.10
N MET A 220 -1.04 1.43 7.46
CA MET A 220 -1.53 2.03 8.69
C MET A 220 -3.06 2.15 8.66
N SER A 221 -3.59 2.46 7.48
CA SER A 221 -5.03 2.58 7.29
C SER A 221 -5.74 1.26 7.59
N ASN A 222 -5.19 0.16 7.08
CA ASN A 222 -5.78 -1.15 7.30
C ASN A 222 -5.69 -1.60 8.75
N LYS A 223 -4.59 -1.29 9.41
CA LYS A 223 -4.43 -1.60 10.81
C LYS A 223 -5.40 -0.76 11.64
N GLY A 224 -5.54 0.51 11.26
CA GLY A 224 -6.45 1.40 11.96
C GLY A 224 -7.90 0.96 11.82
N MET A 225 -8.25 0.46 10.64
CA MET A 225 -9.63 0.02 10.38
C MET A 225 -9.99 -1.15 11.30
N GLU A 226 -9.02 -2.01 11.57
CA GLU A 226 -9.23 -3.14 12.46
C GLU A 226 -9.37 -2.71 13.92
N HIS A 227 -8.56 -1.73 14.31
CA HIS A 227 -8.66 -1.17 15.66
C HIS A 227 -10.01 -0.49 15.82
N LEU A 228 -10.47 0.15 14.75
CA LEU A 228 -11.73 0.87 14.75
C LEU A 228 -12.91 -0.09 14.86
N TYR A 229 -12.81 -1.23 14.20
CA TYR A 229 -13.85 -2.25 14.27
C TYR A 229 -13.94 -2.82 15.68
N SER A 230 -12.78 -3.03 16.29
CA SER A 230 -12.71 -3.52 17.67
C SER A 230 -13.34 -2.51 18.64
N MET A 231 -13.10 -1.23 18.39
CA MET A 231 -13.67 -0.18 19.22
C MET A 231 -15.19 -0.19 19.14
N LYS A 232 -15.72 -0.36 17.94
CA LYS A 232 -17.17 -0.43 17.75
C LYS A 232 -17.77 -1.58 18.57
N CYS A 233 -17.18 -2.76 18.44
CA CYS A 233 -17.69 -3.96 19.13
C CYS A 233 -17.64 -3.82 20.66
N LYS A 234 -16.61 -3.16 21.17
CA LYS A 234 -16.51 -2.92 22.61
C LYS A 234 -17.58 -1.93 23.06
N ASN A 235 -18.07 -1.13 22.12
CA ASN A 235 -19.18 -0.22 22.37
C ASN A 235 -18.99 0.66 23.61
N VAL A 236 -17.76 1.14 23.82
CA VAL A 236 -17.47 2.05 24.92
C VAL A 236 -17.08 3.42 24.41
N VAL A 237 -16.46 3.46 23.23
CA VAL A 237 -16.05 4.71 22.61
C VAL A 237 -17.10 5.19 21.60
N PRO A 238 -17.54 6.44 21.76
CA PRO A 238 -18.56 7.02 20.87
C PRO A 238 -18.09 7.10 19.42
N LEU A 239 -18.87 6.54 18.50
CA LEU A 239 -18.58 6.61 17.08
C LEU A 239 -19.75 7.23 16.34
N SER A 240 -19.46 8.25 15.52
CA SER A 240 -20.50 8.93 14.76
C SER A 240 -21.10 8.02 13.70
N ASP A 241 -22.28 8.40 13.22
CA ASP A 241 -22.97 7.62 12.18
C ASP A 241 -22.17 7.58 10.88
N LEU A 242 -21.59 8.71 10.50
CA LEU A 242 -20.79 8.80 9.28
C LEU A 242 -19.61 7.85 9.39
N LEU A 243 -18.97 7.86 10.55
CA LEU A 243 -17.81 7.02 10.83
C LEU A 243 -18.15 5.55 10.77
N LEU A 244 -19.31 5.19 11.32
CA LEU A 244 -19.77 3.82 11.34
C LEU A 244 -20.09 3.35 9.93
N GLU A 245 -20.57 4.25 9.09
CA GLU A 245 -20.88 3.90 7.71
C GLU A 245 -19.61 3.73 6.87
N MET A 246 -18.62 4.60 7.10
CA MET A 246 -17.34 4.48 6.44
C MET A 246 -16.67 3.17 6.85
N LEU A 247 -16.80 2.84 8.12
CA LEU A 247 -16.25 1.59 8.65
C LEU A 247 -16.90 0.37 8.00
N ASP A 248 -18.22 0.37 7.96
CA ASP A 248 -18.97 -0.75 7.39
C ASP A 248 -18.61 -0.96 5.91
N ALA A 249 -18.25 0.12 5.24
CA ALA A 249 -17.87 0.05 3.83
C ALA A 249 -16.69 -0.88 3.60
N HIS A 250 -15.90 -1.11 4.64
CA HIS A 250 -14.72 -1.96 4.54
C HIS A 250 -15.00 -3.41 4.96
N ARG A 251 -16.26 -3.70 5.27
CA ARG A 251 -16.71 -5.06 5.54
C ARG A 251 -15.70 -5.92 6.30
N LEU A 252 -15.37 -5.51 7.52
CA LEU A 252 -14.44 -6.29 8.34
C LEU A 252 -15.14 -7.45 9.02
N LYS B 6 32.11 -2.09 6.19
CA LYS B 6 30.83 -1.40 6.36
C LYS B 6 30.17 -1.11 5.02
N ASN B 7 30.95 -0.68 4.04
CA ASN B 7 30.42 -0.35 2.72
C ASN B 7 29.83 -1.56 1.99
N SER B 8 28.59 -1.42 1.55
CA SER B 8 27.88 -2.50 0.88
C SER B 8 28.20 -2.57 -0.61
N LEU B 9 28.37 -3.79 -1.12
CA LEU B 9 28.69 -3.99 -2.54
C LEU B 9 27.53 -3.57 -3.44
N ALA B 10 26.31 -3.64 -2.91
CA ALA B 10 25.11 -3.32 -3.68
C ALA B 10 25.19 -1.95 -4.37
N LEU B 11 25.65 -0.94 -3.63
CA LEU B 11 25.71 0.41 -4.17
C LEU B 11 26.75 0.58 -5.27
N SER B 12 27.73 -0.30 -5.29
CA SER B 12 28.80 -0.22 -6.29
C SER B 12 28.42 -0.95 -7.59
N LEU B 13 27.28 -1.64 -7.56
CA LEU B 13 26.82 -2.39 -8.72
C LEU B 13 26.27 -1.47 -9.80
N THR B 14 26.48 -1.84 -11.06
CA THR B 14 25.89 -1.10 -12.18
C THR B 14 24.46 -1.59 -12.42
N ALA B 15 23.73 -0.85 -13.23
CA ALA B 15 22.34 -1.19 -13.53
C ALA B 15 22.23 -2.60 -14.11
N ASP B 16 23.06 -2.90 -15.10
CA ASP B 16 23.06 -4.22 -15.72
C ASP B 16 23.44 -5.31 -14.73
N GLN B 17 24.41 -5.01 -13.88
CA GLN B 17 24.83 -5.94 -12.84
C GLN B 17 23.69 -6.20 -11.85
N MET B 18 22.95 -5.14 -11.52
CA MET B 18 21.81 -5.27 -10.63
C MET B 18 20.74 -6.16 -11.24
N VAL B 19 20.41 -5.89 -12.51
CA VAL B 19 19.39 -6.65 -13.22
C VAL B 19 19.72 -8.14 -13.31
N SER B 20 20.98 -8.45 -13.63
CA SER B 20 21.40 -9.84 -13.77
CA SER B 20 21.40 -9.85 -13.77
C SER B 20 21.39 -10.56 -12.43
N ALA B 21 21.79 -9.86 -11.38
CA ALA B 21 21.78 -10.44 -10.04
C ALA B 21 20.37 -10.85 -9.65
N LEU B 22 19.41 -9.96 -9.89
CA LEU B 22 18.02 -10.22 -9.54
C LEU B 22 17.43 -11.35 -10.38
N LEU B 23 17.66 -11.30 -11.69
CA LEU B 23 17.19 -12.35 -12.57
C LEU B 23 17.75 -13.70 -12.14
N ASP B 24 19.04 -13.71 -11.80
CA ASP B 24 19.72 -14.94 -11.43
C ASP B 24 19.23 -15.48 -10.09
N ALA B 25 18.76 -14.58 -9.23
CA ALA B 25 18.28 -14.96 -7.91
C ALA B 25 16.87 -15.55 -7.94
N GLU B 26 16.16 -15.32 -9.04
CA GLU B 26 14.78 -15.77 -9.18
C GLU B 26 14.57 -17.21 -8.70
N PRO B 27 13.58 -17.41 -7.81
CA PRO B 27 13.17 -18.75 -7.41
C PRO B 27 12.39 -19.40 -8.54
N PRO B 28 12.26 -20.73 -8.51
CA PRO B 28 11.54 -21.45 -9.58
C PRO B 28 10.03 -21.45 -9.38
N ILE B 29 9.31 -21.78 -10.45
CA ILE B 29 7.87 -22.00 -10.38
C ILE B 29 7.59 -23.42 -9.95
N LEU B 30 6.91 -23.57 -8.81
CA LEU B 30 6.67 -24.90 -8.23
C LEU B 30 5.33 -25.46 -8.69
N TYR B 31 5.16 -26.77 -8.53
CA TYR B 31 3.91 -27.45 -8.85
C TYR B 31 3.12 -27.77 -7.59
N SER B 32 1.80 -27.92 -7.74
CA SER B 32 0.94 -28.36 -6.66
C SER B 32 0.78 -29.88 -6.74
N GLU B 33 -0.01 -30.45 -5.84
CA GLU B 33 -0.32 -31.87 -5.91
C GLU B 33 -0.96 -32.20 -7.25
N TYR B 34 -0.81 -33.43 -7.70
CA TYR B 34 -1.25 -33.81 -9.05
C TYR B 34 -2.57 -34.58 -9.10
N ASP B 35 -3.54 -34.17 -8.28
CA ASP B 35 -4.89 -34.74 -8.34
C ASP B 35 -5.73 -33.93 -9.34
N PRO B 36 -6.30 -34.62 -10.34
CA PRO B 36 -7.01 -33.97 -11.44
C PRO B 36 -8.36 -33.36 -11.05
N THR B 37 -8.76 -33.54 -9.78
CA THR B 37 -10.00 -32.96 -9.30
C THR B 37 -9.89 -31.45 -9.18
N ARG B 38 -10.95 -30.74 -9.54
CA ARG B 38 -11.01 -29.30 -9.35
C ARG B 38 -11.50 -28.98 -7.94
N PRO B 39 -10.62 -28.38 -7.13
CA PRO B 39 -10.96 -28.08 -5.74
C PRO B 39 -12.05 -27.01 -5.64
N PHE B 40 -13.07 -27.28 -4.83
CA PHE B 40 -14.15 -26.33 -4.63
C PHE B 40 -14.37 -26.08 -3.13
N SER B 41 -14.13 -27.11 -2.33
CA SER B 41 -14.26 -27.00 -0.88
C SER B 41 -13.06 -26.30 -0.28
N GLU B 42 -13.27 -25.63 0.85
CA GLU B 42 -12.21 -24.93 1.54
C GLU B 42 -11.07 -25.88 1.91
N ALA B 43 -11.44 -27.05 2.43
CA ALA B 43 -10.47 -28.02 2.91
C ALA B 43 -9.44 -28.40 1.85
N SER B 44 -9.93 -28.90 0.71
CA SER B 44 -9.04 -29.35 -0.35
C SER B 44 -8.23 -28.20 -0.95
N MET B 45 -8.92 -27.12 -1.31
CA MET B 45 -8.27 -25.99 -1.95
C MET B 45 -7.23 -25.31 -1.06
N MET B 46 -7.61 -24.99 0.18
CA MET B 46 -6.70 -24.34 1.11
C MET B 46 -5.54 -25.25 1.49
N GLY B 47 -5.79 -26.56 1.49
CA GLY B 47 -4.73 -27.53 1.74
C GLY B 47 -3.65 -27.40 0.68
N LEU B 48 -4.07 -27.34 -0.57
CA LEU B 48 -3.14 -27.19 -1.69
C LEU B 48 -2.42 -25.85 -1.62
N LEU B 49 -3.17 -24.79 -1.33
CA LEU B 49 -2.61 -23.44 -1.32
C LEU B 49 -1.60 -23.22 -0.20
N THR B 50 -1.92 -23.67 1.01
CA THR B 50 -1.01 -23.51 2.14
C THR B 50 0.25 -24.35 1.96
N ASN B 51 0.09 -25.56 1.41
CA ASN B 51 1.22 -26.41 1.10
C ASN B 51 2.15 -25.73 0.10
N LEU B 52 1.54 -25.17 -0.94
CA LEU B 52 2.28 -24.46 -1.98
C LEU B 52 2.99 -23.24 -1.41
N ALA B 53 2.25 -22.45 -0.64
CA ALA B 53 2.80 -21.25 -0.02
C ALA B 53 3.99 -21.59 0.87
N ASP B 54 3.86 -22.65 1.65
CA ASP B 54 4.92 -23.08 2.54
C ASP B 54 6.19 -23.39 1.76
N ARG B 55 6.06 -24.13 0.66
CA ARG B 55 7.20 -24.45 -0.19
C ARG B 55 7.80 -23.22 -0.88
N GLU B 56 6.93 -22.29 -1.30
CA GLU B 56 7.40 -21.04 -1.91
C GLU B 56 8.16 -20.17 -0.90
N LEU B 57 7.77 -20.26 0.37
CA LEU B 57 8.42 -19.47 1.42
C LEU B 57 9.89 -19.85 1.58
N VAL B 58 10.18 -21.13 1.57
CA VAL B 58 11.54 -21.61 1.69
C VAL B 58 12.41 -21.05 0.58
N HIS B 59 11.90 -21.08 -0.65
CA HIS B 59 12.62 -20.51 -1.78
C HIS B 59 12.74 -19.00 -1.65
N MET B 60 11.68 -18.35 -1.19
CA MET B 60 11.69 -16.90 -1.02
C MET B 60 12.81 -16.48 -0.08
N ILE B 61 12.96 -17.23 1.02
CA ILE B 61 13.96 -16.92 2.03
C ILE B 61 15.37 -16.98 1.44
N ASN B 62 15.62 -17.98 0.60
CA ASN B 62 16.93 -18.11 -0.04
C ASN B 62 17.11 -17.12 -1.19
N TRP B 63 16.00 -16.71 -1.79
CA TRP B 63 16.02 -15.67 -2.81
C TRP B 63 16.41 -14.33 -2.18
N ALA B 64 15.77 -14.00 -1.07
CA ALA B 64 16.01 -12.73 -0.39
C ALA B 64 17.49 -12.52 -0.08
N LYS B 65 18.17 -13.59 0.35
CA LYS B 65 19.58 -13.52 0.68
C LYS B 65 20.46 -13.18 -0.51
N ARG B 66 19.89 -13.31 -1.71
CA ARG B 66 20.63 -13.02 -2.94
C ARG B 66 20.22 -11.68 -3.55
N VAL B 67 19.41 -10.93 -2.83
CA VAL B 67 19.05 -9.58 -3.25
C VAL B 67 20.14 -8.63 -2.75
N PRO B 68 20.82 -7.94 -3.69
CA PRO B 68 21.95 -7.08 -3.32
C PRO B 68 21.61 -6.14 -2.18
N GLY B 69 22.43 -6.17 -1.14
CA GLY B 69 22.24 -5.29 0.01
C GLY B 69 21.49 -5.94 1.16
N PHE B 70 20.84 -7.07 0.90
CA PHE B 70 20.03 -7.71 1.92
C PHE B 70 20.87 -8.37 3.02
N VAL B 71 21.89 -9.12 2.62
CA VAL B 71 22.72 -9.84 3.59
C VAL B 71 23.66 -8.91 4.35
N ASP B 72 23.71 -7.65 3.93
CA ASP B 72 24.53 -6.64 4.62
C ASP B 72 23.80 -6.11 5.85
N LEU B 73 22.54 -6.49 5.98
CA LEU B 73 21.76 -6.15 7.16
C LEU B 73 21.97 -7.20 8.23
N THR B 74 21.77 -6.82 9.49
CA THR B 74 21.85 -7.79 10.57
C THR B 74 20.76 -8.85 10.38
N LEU B 75 20.96 -10.02 10.96
CA LEU B 75 19.98 -11.09 10.88
C LEU B 75 18.60 -10.61 11.35
N HIS B 76 18.60 -9.81 12.41
CA HIS B 76 17.37 -9.30 13.00
C HIS B 76 16.59 -8.42 12.01
N ASP B 77 17.32 -7.59 11.26
CA ASP B 77 16.69 -6.73 10.27
C ASP B 77 16.17 -7.55 9.09
N GLN B 78 16.94 -8.58 8.71
CA GLN B 78 16.51 -9.48 7.64
C GLN B 78 15.23 -10.19 8.04
N VAL B 79 15.16 -10.62 9.30
CA VAL B 79 13.98 -11.27 9.82
C VAL B 79 12.77 -10.34 9.77
N HIS B 80 12.97 -9.10 10.19
CA HIS B 80 11.90 -8.11 10.22
C HIS B 80 11.31 -7.85 8.84
N LEU B 81 12.17 -7.62 7.87
CA LEU B 81 11.74 -7.28 6.52
C LEU B 81 10.95 -8.42 5.87
N LEU B 82 11.46 -9.64 6.02
CA LEU B 82 10.79 -10.82 5.46
C LEU B 82 9.44 -11.07 6.14
N GLU B 83 9.40 -10.87 7.46
CA GLU B 83 8.17 -11.06 8.20
C GLU B 83 7.09 -10.09 7.74
N CSO B 84 7.48 -8.88 7.38
CA CSO B 84 6.53 -7.87 6.95
CA CSO B 84 6.53 -7.87 6.94
CB CSO B 84 7.09 -6.47 7.24
CB CSO B 84 7.02 -6.45 7.21
SG CSO B 84 6.04 -5.20 6.52
SG CSO B 84 7.37 -6.22 8.97
C CSO B 84 6.13 -8.00 5.48
O CSO B 84 4.99 -7.70 5.10
OD CSO B 84 4.83 -4.68 7.71
OD CSO B 84 6.24 -5.03 9.67
N ALA B 85 7.06 -8.48 4.65
CA ALA B 85 6.83 -8.50 3.21
C ALA B 85 6.39 -9.84 2.61
N TRP B 86 6.51 -10.93 3.38
CA TRP B 86 6.35 -12.27 2.81
C TRP B 86 5.08 -12.47 1.98
N LEU B 87 3.93 -12.02 2.48
CA LEU B 87 2.68 -12.25 1.76
C LEU B 87 2.57 -11.39 0.50
N GLU B 88 3.03 -10.14 0.59
CA GLU B 88 3.08 -9.26 -0.57
C GLU B 88 3.90 -9.88 -1.68
N ILE B 89 5.01 -10.52 -1.30
CA ILE B 89 5.91 -11.14 -2.26
C ILE B 89 5.30 -12.40 -2.87
N LEU B 90 4.61 -13.18 -2.05
CA LEU B 90 3.90 -14.34 -2.56
C LEU B 90 2.84 -13.90 -3.57
N MET B 91 2.13 -12.83 -3.24
CA MET B 91 1.04 -12.35 -4.07
C MET B 91 1.48 -11.74 -5.38
N ILE B 92 2.53 -10.93 -5.36
CA ILE B 92 3.03 -10.33 -6.60
C ILE B 92 3.56 -11.42 -7.53
N GLY B 93 4.16 -12.46 -6.95
CA GLY B 93 4.60 -13.61 -7.70
C GLY B 93 3.43 -14.31 -8.37
N LEU B 94 2.38 -14.55 -7.60
CA LEU B 94 1.16 -15.16 -8.12
C LEU B 94 0.60 -14.34 -9.27
N VAL B 95 0.48 -13.03 -9.07
CA VAL B 95 -0.04 -12.12 -10.08
C VAL B 95 0.81 -12.16 -11.35
N TRP B 96 2.13 -12.19 -11.18
CA TRP B 96 3.05 -12.26 -12.30
C TRP B 96 2.84 -13.52 -13.15
N ARG B 97 2.79 -14.68 -12.48
CA ARG B 97 2.54 -15.95 -13.17
C ARG B 97 1.21 -15.95 -13.91
N SER B 98 0.26 -15.17 -13.42
CA SER B 98 -1.10 -15.21 -13.93
C SER B 98 -1.33 -14.22 -15.08
N MET B 99 -0.34 -13.40 -15.36
CA MET B 99 -0.50 -12.30 -16.32
C MET B 99 -1.02 -12.76 -17.68
N GLU B 100 -0.44 -13.84 -18.20
CA GLU B 100 -0.81 -14.33 -19.52
C GLU B 100 -2.05 -15.21 -19.48
N HIS B 101 -2.74 -15.22 -18.33
CA HIS B 101 -3.96 -16.02 -18.19
C HIS B 101 -5.11 -15.20 -17.66
N PRO B 102 -5.68 -14.33 -18.51
CA PRO B 102 -6.77 -13.42 -18.15
C PRO B 102 -7.92 -14.15 -17.46
N GLY B 103 -8.34 -13.64 -16.31
CA GLY B 103 -9.48 -14.18 -15.60
C GLY B 103 -9.14 -15.36 -14.70
N LYS B 104 -7.88 -15.77 -14.71
CA LYS B 104 -7.47 -16.90 -13.90
C LYS B 104 -6.24 -16.58 -13.04
N LEU B 105 -6.10 -17.29 -11.94
CA LEU B 105 -4.91 -17.19 -11.11
C LEU B 105 -4.11 -18.47 -11.20
N LEU B 106 -2.86 -18.35 -11.64
CA LEU B 106 -1.99 -19.50 -11.81
C LEU B 106 -1.17 -19.75 -10.56
N PHE B 107 -1.77 -20.42 -9.58
CA PHE B 107 -1.08 -20.75 -8.35
C PHE B 107 0.09 -21.67 -8.65
N ALA B 108 -0.12 -22.58 -9.60
CA ALA B 108 0.93 -23.46 -10.10
C ALA B 108 0.54 -23.89 -11.52
N PRO B 109 1.53 -24.34 -12.31
CA PRO B 109 1.21 -24.74 -13.68
C PRO B 109 0.08 -25.78 -13.73
N ASN B 110 -0.03 -26.61 -12.69
CA ASN B 110 -1.09 -27.60 -12.62
C ASN B 110 -2.19 -27.21 -11.66
N LEU B 111 -2.27 -25.92 -11.35
CA LEU B 111 -3.32 -25.40 -10.47
C LEU B 111 -3.76 -24.01 -10.91
N LEU B 112 -4.52 -23.98 -12.00
CA LEU B 112 -5.05 -22.73 -12.55
C LEU B 112 -6.51 -22.61 -12.15
N LEU B 113 -6.85 -21.53 -11.45
CA LEU B 113 -8.19 -21.38 -10.90
C LEU B 113 -8.87 -20.08 -11.34
N ASP B 114 -10.19 -20.14 -11.53
CA ASP B 114 -10.98 -18.95 -11.79
C ASP B 114 -11.81 -18.60 -10.56
N ARG B 115 -12.49 -17.45 -10.61
CA ARG B 115 -13.20 -16.94 -9.44
C ARG B 115 -14.40 -17.79 -9.04
N ASN B 116 -14.85 -18.68 -9.94
CA ASN B 116 -15.95 -19.57 -9.63
C ASN B 116 -15.59 -20.54 -8.52
N GLN B 117 -14.34 -20.97 -8.50
CA GLN B 117 -13.84 -21.84 -7.44
C GLN B 117 -13.53 -21.03 -6.18
N GLY B 118 -13.23 -19.75 -6.36
CA GLY B 118 -12.94 -18.87 -5.25
C GLY B 118 -14.18 -18.53 -4.46
N LYS B 119 -15.29 -18.29 -5.14
CA LYS B 119 -16.53 -17.89 -4.49
C LYS B 119 -17.16 -19.03 -3.67
N CSO B 120 -16.59 -20.22 -3.78
CA CSO B 120 -17.05 -21.36 -2.98
CB CSO B 120 -16.84 -22.69 -3.71
SG CSO B 120 -17.97 -22.80 -5.12
C CSO B 120 -16.40 -21.39 -1.60
O CSO B 120 -16.69 -22.28 -0.80
OD CSO B 120 -19.63 -23.06 -4.55
N VAL B 121 -15.54 -20.42 -1.35
CA VAL B 121 -14.91 -20.30 -0.03
C VAL B 121 -15.23 -18.94 0.58
N GLU B 122 -15.80 -18.96 1.78
CA GLU B 122 -16.22 -17.74 2.44
C GLU B 122 -15.10 -16.72 2.55
N GLY B 123 -15.32 -15.54 1.95
CA GLY B 123 -14.39 -14.43 2.04
C GLY B 123 -13.16 -14.57 1.18
N MET B 124 -13.22 -15.42 0.17
CA MET B 124 -12.07 -15.63 -0.70
C MET B 124 -12.16 -14.83 -2.00
N VAL B 125 -13.34 -14.82 -2.61
CA VAL B 125 -13.51 -14.21 -3.93
C VAL B 125 -13.14 -12.72 -3.94
N GLU B 126 -13.33 -12.04 -2.82
CA GLU B 126 -12.98 -10.63 -2.71
C GLU B 126 -11.49 -10.44 -2.98
N ILE B 127 -10.67 -11.20 -2.29
CA ILE B 127 -9.23 -11.16 -2.49
C ILE B 127 -8.88 -11.69 -3.88
N PHE B 128 -9.63 -12.68 -4.32
CA PHE B 128 -9.43 -13.30 -5.63
C PHE B 128 -9.58 -12.25 -6.74
N ASP B 129 -10.65 -11.49 -6.68
CA ASP B 129 -10.91 -10.45 -7.68
C ASP B 129 -9.86 -9.35 -7.66
N MET B 130 -9.36 -9.04 -6.48
CA MET B 130 -8.30 -8.03 -6.36
C MET B 130 -7.02 -8.52 -7.03
N LEU B 131 -6.73 -9.81 -6.88
CA LEU B 131 -5.57 -10.40 -7.52
C LEU B 131 -5.72 -10.41 -9.04
N LEU B 132 -6.91 -10.72 -9.52
CA LEU B 132 -7.19 -10.71 -10.95
C LEU B 132 -7.03 -9.31 -11.53
N ALA B 133 -7.52 -8.31 -10.81
CA ALA B 133 -7.42 -6.92 -11.25
C ALA B 133 -5.97 -6.48 -11.37
N THR B 134 -5.13 -6.92 -10.43
CA THR B 134 -3.71 -6.59 -10.46
C THR B 134 -3.02 -7.26 -11.65
N SER B 135 -3.40 -8.51 -11.90
CA SER B 135 -2.85 -9.26 -13.03
C SER B 135 -3.21 -8.58 -14.35
N SER B 136 -4.50 -8.28 -14.51
CA SER B 136 -4.98 -7.60 -15.72
C SER B 136 -4.25 -6.28 -15.92
N ARG B 137 -4.08 -5.54 -14.83
CA ARG B 137 -3.38 -4.25 -14.89
C ARG B 137 -1.94 -4.43 -15.36
N PHE B 138 -1.24 -5.40 -14.79
CA PHE B 138 0.12 -5.72 -15.21
C PHE B 138 0.17 -6.07 -16.68
N ARG B 139 -0.84 -6.80 -17.15
CA ARG B 139 -0.89 -7.22 -18.55
C ARG B 139 -1.05 -6.04 -19.49
N MET B 140 -1.96 -5.13 -19.16
CA MET B 140 -2.22 -3.97 -19.99
C MET B 140 -1.03 -3.01 -20.04
N MET B 141 -0.22 -3.01 -18.99
CA MET B 141 0.98 -2.19 -18.94
C MET B 141 2.17 -2.88 -19.60
N ASN B 142 1.97 -4.12 -20.01
CA ASN B 142 3.04 -4.91 -20.61
CA ASN B 142 3.04 -4.91 -20.61
C ASN B 142 4.26 -4.97 -19.71
N LEU B 143 4.04 -5.29 -18.43
CA LEU B 143 5.12 -5.40 -17.46
C LEU B 143 6.15 -6.42 -17.92
N GLN B 144 7.43 -6.05 -17.81
CA GLN B 144 8.51 -6.95 -18.21
C GLN B 144 9.09 -7.67 -17.01
N GLY B 145 9.66 -8.84 -17.25
CA GLY B 145 10.24 -9.65 -16.19
C GLY B 145 11.30 -8.90 -15.44
N GLU B 146 12.09 -8.10 -16.15
CA GLU B 146 13.15 -7.31 -15.54
C GLU B 146 12.56 -6.27 -14.59
N GLU B 147 11.41 -5.74 -14.96
CA GLU B 147 10.70 -4.79 -14.11
C GLU B 147 10.08 -5.49 -12.92
N PHE B 148 9.50 -6.67 -13.18
CA PHE B 148 8.89 -7.47 -12.13
C PHE B 148 9.86 -7.74 -10.98
N VAL B 149 11.07 -8.21 -11.30
CA VAL B 149 12.05 -8.52 -10.27
C VAL B 149 12.48 -7.29 -9.47
N CYS B 150 12.52 -6.14 -10.12
CA CYS B 150 12.84 -4.90 -9.42
C CYS B 150 11.76 -4.55 -8.40
N LEU B 151 10.50 -4.68 -8.80
CA LEU B 151 9.37 -4.37 -7.93
C LEU B 151 9.35 -5.28 -6.71
N LYS B 152 9.72 -6.54 -6.91
CA LYS B 152 9.68 -7.51 -5.82
C LYS B 152 10.73 -7.21 -4.76
N SER B 153 11.92 -6.81 -5.21
CA SER B 153 13.00 -6.47 -4.29
CA SER B 153 12.99 -6.46 -4.28
C SER B 153 12.67 -5.17 -3.55
N ILE B 154 11.99 -4.26 -4.24
CA ILE B 154 11.56 -3.01 -3.62
C ILE B 154 10.61 -3.30 -2.47
N ILE B 155 9.66 -4.20 -2.69
CA ILE B 155 8.75 -4.63 -1.64
C ILE B 155 9.51 -5.19 -0.44
N LEU B 156 10.49 -6.05 -0.71
CA LEU B 156 11.28 -6.67 0.34
C LEU B 156 11.94 -5.62 1.24
N LEU B 157 12.52 -4.60 0.63
CA LEU B 157 13.28 -3.60 1.36
C LEU B 157 12.41 -2.49 1.95
N ASN B 158 11.25 -2.27 1.35
CA ASN B 158 10.41 -1.13 1.73
C ASN B 158 9.38 -1.41 2.81
N SER B 159 8.65 -2.51 2.66
CA SER B 159 7.47 -2.76 3.49
C SER B 159 7.69 -2.55 4.98
N GLY B 160 8.79 -3.06 5.51
CA GLY B 160 9.06 -2.92 6.93
C GLY B 160 10.15 -1.92 7.27
N VAL B 161 10.49 -1.05 6.33
CA VAL B 161 11.62 -0.13 6.50
C VAL B 161 11.33 1.02 7.46
N TYR B 162 10.06 1.36 7.65
CA TYR B 162 9.70 2.45 8.56
C TYR B 162 9.52 1.93 9.98
N THR B 163 9.10 0.68 10.11
CA THR B 163 8.94 0.05 11.42
C THR B 163 10.28 -0.31 12.03
N PHE B 164 11.30 0.48 11.69
CA PHE B 164 12.63 0.32 12.27
C PHE B 164 12.91 1.42 13.28
N ASP B 176 19.58 4.36 6.52
CA ASP B 176 20.28 4.98 5.41
C ASP B 176 20.63 3.94 4.34
N HIS B 177 21.11 2.78 4.79
CA HIS B 177 21.51 1.71 3.87
C HIS B 177 20.36 1.27 2.97
N ILE B 178 19.23 0.91 3.58
CA ILE B 178 18.09 0.43 2.82
C ILE B 178 17.58 1.47 1.83
N HIS B 179 17.55 2.73 2.25
CA HIS B 179 17.06 3.81 1.39
C HIS B 179 17.99 4.09 0.21
N ARG B 180 19.29 3.89 0.41
CA ARG B 180 20.25 4.02 -0.69
C ARG B 180 20.08 2.89 -1.69
N VAL B 181 19.90 1.67 -1.18
CA VAL B 181 19.68 0.52 -2.03
C VAL B 181 18.38 0.68 -2.81
N LEU B 182 17.35 1.18 -2.13
CA LEU B 182 16.07 1.46 -2.77
C LEU B 182 16.23 2.48 -3.90
N ASP B 183 17.06 3.50 -3.67
CA ASP B 183 17.38 4.46 -4.70
C ASP B 183 18.07 3.78 -5.86
N LYS B 184 18.95 2.84 -5.54
CA LYS B 184 19.68 2.09 -6.56
C LYS B 184 18.74 1.33 -7.48
N ILE B 185 17.71 0.73 -6.89
CA ILE B 185 16.73 -0.03 -7.66
C ILE B 185 15.85 0.88 -8.51
N THR B 186 15.56 2.08 -8.00
CA THR B 186 14.86 3.08 -8.79
C THR B 186 15.66 3.44 -10.05
N ASP B 187 16.97 3.65 -9.86
CA ASP B 187 17.86 3.90 -10.99
C ASP B 187 17.74 2.76 -11.99
N THR B 188 17.69 1.54 -11.47
CA THR B 188 17.63 0.36 -12.32
C THR B 188 16.33 0.31 -13.13
N LEU B 189 15.20 0.62 -12.47
CA LEU B 189 13.91 0.61 -13.14
C LEU B 189 13.88 1.59 -14.30
N ILE B 190 14.35 2.82 -14.05
CA ILE B 190 14.43 3.83 -15.09
C ILE B 190 15.33 3.34 -16.22
N HIS B 191 16.49 2.80 -15.83
CA HIS B 191 17.45 2.23 -16.77
C HIS B 191 16.76 1.28 -17.75
N LEU B 192 15.96 0.37 -17.21
CA LEU B 192 15.24 -0.62 -18.02
C LEU B 192 14.23 0.03 -18.97
N MET B 193 13.59 1.10 -18.51
CA MET B 193 12.58 1.78 -19.31
C MET B 193 13.22 2.56 -20.45
N ALA B 194 14.35 3.19 -20.16
CA ALA B 194 15.10 3.90 -21.19
C ALA B 194 15.64 2.90 -22.21
N LYS B 195 16.17 1.80 -21.70
CA LYS B 195 16.69 0.72 -22.55
C LYS B 195 15.61 0.20 -23.48
N ALA B 196 14.36 0.26 -23.02
CA ALA B 196 13.24 -0.23 -23.81
C ALA B 196 12.71 0.82 -24.78
N GLY B 197 13.30 2.02 -24.75
CA GLY B 197 12.99 3.05 -25.72
C GLY B 197 11.99 4.11 -25.28
N LEU B 198 11.55 4.05 -24.03
CA LEU B 198 10.59 5.01 -23.52
C LEU B 198 11.16 6.43 -23.44
N THR B 199 10.34 7.43 -23.75
CA THR B 199 10.75 8.82 -23.62
C THR B 199 10.87 9.19 -22.14
N LEU B 200 11.50 10.32 -21.86
CA LEU B 200 11.65 10.80 -20.49
C LEU B 200 10.31 10.84 -19.76
N GLN B 201 9.29 11.41 -20.40
CA GLN B 201 7.99 11.55 -19.77
C GLN B 201 7.35 10.20 -19.48
N GLN B 202 7.41 9.30 -20.46
CA GLN B 202 6.87 7.96 -20.30
C GLN B 202 7.57 7.22 -19.15
N GLN B 203 8.86 7.51 -18.97
CA GLN B 203 9.65 6.86 -17.92
C GLN B 203 9.12 7.14 -16.52
N HIS B 204 8.97 8.41 -16.17
CA HIS B 204 8.49 8.76 -14.83
C HIS B 204 7.00 8.47 -14.66
N GLN B 205 6.24 8.60 -15.74
CA GLN B 205 4.83 8.20 -15.71
C GLN B 205 4.70 6.71 -15.41
N ARG B 206 5.52 5.90 -16.07
CA ARG B 206 5.49 4.45 -15.87
C ARG B 206 6.04 4.08 -14.50
N LEU B 207 7.08 4.79 -14.06
CA LEU B 207 7.63 4.54 -12.73
C LEU B 207 6.56 4.76 -11.66
N ALA B 208 5.85 5.88 -11.78
CA ALA B 208 4.78 6.21 -10.84
C ALA B 208 3.69 5.13 -10.87
N GLN B 209 3.26 4.78 -12.07
CA GLN B 209 2.20 3.79 -12.25
C GLN B 209 2.51 2.46 -11.56
N LEU B 210 3.74 1.99 -11.73
CA LEU B 210 4.15 0.73 -11.13
C LEU B 210 4.16 0.82 -9.60
N LEU B 211 4.73 1.91 -9.09
CA LEU B 211 4.83 2.09 -7.64
C LEU B 211 3.48 2.22 -6.95
N LEU B 212 2.51 2.85 -7.63
CA LEU B 212 1.16 2.99 -7.09
C LEU B 212 0.50 1.63 -6.92
N ILE B 213 0.85 0.69 -7.78
CA ILE B 213 0.31 -0.67 -7.70
C ILE B 213 0.79 -1.34 -6.41
N LEU B 214 1.96 -0.94 -5.95
CA LEU B 214 2.50 -1.50 -4.70
C LEU B 214 1.60 -1.18 -3.51
N SER B 215 0.88 -0.06 -3.60
CA SER B 215 -0.10 0.30 -2.57
C SER B 215 -1.24 -0.71 -2.53
N HIS B 216 -1.72 -1.11 -3.71
CA HIS B 216 -2.79 -2.09 -3.83
CA HIS B 216 -2.79 -2.09 -3.81
C HIS B 216 -2.32 -3.47 -3.36
N ILE B 217 -1.05 -3.78 -3.65
CA ILE B 217 -0.49 -5.06 -3.23
C ILE B 217 -0.38 -5.14 -1.71
N ARG B 218 -0.02 -4.02 -1.08
CA ARG B 218 -0.02 -3.95 0.38
C ARG B 218 -1.43 -4.18 0.91
N HIS B 219 -2.42 -3.61 0.22
CA HIS B 219 -3.81 -3.76 0.62
C HIS B 219 -4.23 -5.23 0.57
N MET B 220 -3.87 -5.91 -0.51
CA MET B 220 -4.21 -7.32 -0.68
C MET B 220 -3.56 -8.18 0.40
N SER B 221 -2.32 -7.83 0.77
CA SER B 221 -1.60 -8.58 1.79
C SER B 221 -2.28 -8.47 3.15
N ASN B 222 -2.62 -7.25 3.54
CA ASN B 222 -3.33 -7.02 4.79
C ASN B 222 -4.64 -7.80 4.87
N LYS B 223 -5.41 -7.79 3.78
CA LYS B 223 -6.66 -8.54 3.71
C LYS B 223 -6.39 -10.03 3.75
N GLY B 224 -5.39 -10.48 3.00
CA GLY B 224 -5.03 -11.87 2.98
C GLY B 224 -4.59 -12.34 4.36
N MET B 225 -3.92 -11.46 5.08
CA MET B 225 -3.43 -11.79 6.41
C MET B 225 -4.59 -12.01 7.38
N GLU B 226 -5.59 -11.14 7.33
CA GLU B 226 -6.77 -11.30 8.16
CA GLU B 226 -6.79 -11.29 8.14
C GLU B 226 -7.48 -12.60 7.82
N HIS B 227 -7.55 -12.94 6.54
CA HIS B 227 -8.18 -14.17 6.09
C HIS B 227 -7.43 -15.39 6.62
N LEU B 228 -6.10 -15.32 6.58
CA LEU B 228 -5.25 -16.39 7.07
C LEU B 228 -5.44 -16.55 8.57
N TYR B 229 -5.65 -15.43 9.25
CA TYR B 229 -5.85 -15.43 10.69
C TYR B 229 -7.12 -16.18 11.08
N SER B 230 -8.23 -15.90 10.41
CA SER B 230 -9.48 -16.59 10.68
C SER B 230 -9.33 -18.08 10.37
N MET B 231 -8.66 -18.39 9.27
CA MET B 231 -8.36 -19.78 8.94
C MET B 231 -7.69 -20.47 10.13
N LYS B 232 -6.69 -19.83 10.69
CA LYS B 232 -5.97 -20.38 11.84
C LYS B 232 -6.92 -20.64 13.01
N CSO B 233 -7.75 -19.66 13.32
CA CSO B 233 -8.65 -19.78 14.47
CA CSO B 233 -8.66 -19.74 14.47
CB CSO B 233 -9.15 -18.42 14.96
CB CSO B 233 -9.21 -18.35 14.81
SG CSO B 233 -7.77 -17.26 15.00
SG CSO B 233 -10.46 -18.46 16.10
C CSO B 233 -9.80 -20.74 14.24
O CSO B 233 -10.38 -21.27 15.19
OD CSO B 233 -7.50 -16.68 16.66
OD CSO B 233 -9.75 -18.01 17.67
N LYS B 234 -10.14 -20.99 12.97
CA LYS B 234 -11.15 -21.99 12.65
C LYS B 234 -10.54 -23.38 12.77
N ASN B 235 -9.22 -23.44 12.61
CA ASN B 235 -8.44 -24.65 12.86
C ASN B 235 -8.87 -25.87 12.03
N VAL B 236 -9.30 -25.62 10.79
CA VAL B 236 -9.69 -26.72 9.90
C VAL B 236 -8.52 -27.15 9.03
N VAL B 237 -7.98 -26.21 8.26
CA VAL B 237 -6.83 -26.49 7.41
C VAL B 237 -5.53 -26.32 8.19
N PRO B 238 -4.81 -27.44 8.38
CA PRO B 238 -3.55 -27.42 9.13
C PRO B 238 -2.53 -26.50 8.46
N LEU B 239 -1.83 -25.71 9.27
CA LEU B 239 -0.81 -24.81 8.76
C LEU B 239 0.55 -25.21 9.31
N SER B 240 1.57 -25.13 8.46
CA SER B 240 2.93 -25.41 8.91
C SER B 240 3.33 -24.44 10.01
N ASP B 241 4.29 -24.84 10.83
CA ASP B 241 4.79 -23.97 11.89
C ASP B 241 5.47 -22.73 11.31
N LEU B 242 6.05 -22.88 10.12
CA LEU B 242 6.67 -21.76 9.44
C LEU B 242 5.61 -20.75 9.02
N LEU B 243 4.53 -21.25 8.41
CA LEU B 243 3.46 -20.38 7.96
C LEU B 243 2.77 -19.73 9.16
N LEU B 244 2.66 -20.47 10.26
CA LEU B 244 2.06 -19.96 11.48
C LEU B 244 2.87 -18.81 12.07
N GLU B 245 4.20 -18.94 12.03
CA GLU B 245 5.08 -17.93 12.58
C GLU B 245 5.13 -16.67 11.71
N MET B 246 5.05 -16.86 10.40
CA MET B 246 5.01 -15.71 9.49
C MET B 246 3.73 -14.91 9.70
N LEU B 247 2.64 -15.63 9.98
CA LEU B 247 1.37 -15.00 10.31
C LEU B 247 1.43 -14.30 11.66
N ASP B 248 1.92 -15.03 12.66
CA ASP B 248 1.97 -14.54 14.03
C ASP B 248 2.77 -13.23 14.13
N ALA B 249 3.72 -13.05 13.23
CA ALA B 249 4.56 -11.86 13.24
C ALA B 249 3.76 -10.56 13.02
N HIS B 250 2.58 -10.70 12.42
CA HIS B 250 1.74 -9.54 12.11
C HIS B 250 0.75 -9.18 13.21
N ARG B 251 0.79 -9.89 14.33
CA ARG B 251 -0.07 -9.58 15.47
C ARG B 251 -1.54 -9.48 15.06
N LYS C 3 -26.72 6.33 1.87
CA LYS C 3 -25.60 6.59 2.76
C LYS C 3 -25.45 8.08 3.05
N ILE C 4 -24.82 8.40 4.18
CA ILE C 4 -24.54 9.77 4.54
C ILE C 4 -23.51 10.37 3.58
N LEU C 5 -22.44 9.62 3.36
CA LEU C 5 -21.40 10.04 2.43
C LEU C 5 -22.00 10.36 1.06
N HIS C 6 -22.97 9.55 0.68
CA HIS C 6 -23.65 9.69 -0.62
C HIS C 6 -24.40 11.01 -0.69
N ARG C 7 -25.12 11.34 0.37
CA ARG C 7 -25.90 12.57 0.42
C ARG C 7 -24.99 13.81 0.44
N LEU C 8 -23.97 13.78 1.30
CA LEU C 8 -23.05 14.90 1.43
C LEU C 8 -22.36 15.20 0.10
N LEU C 9 -22.04 14.14 -0.65
CA LEU C 9 -21.44 14.30 -1.97
C LEU C 9 -22.41 14.97 -2.94
N GLN C 10 -23.71 14.71 -2.74
CA GLN C 10 -24.74 15.30 -3.58
C GLN C 10 -25.02 16.74 -3.19
N GLU C 11 -24.51 17.14 -2.03
CA GLU C 11 -24.72 18.48 -1.47
C GLU C 11 -26.07 18.60 -0.78
N HIS D 2 14.94 -19.54 18.11
CA HIS D 2 13.53 -19.63 18.47
C HIS D 2 12.65 -19.72 17.23
N LYS D 3 12.80 -18.76 16.33
CA LYS D 3 11.99 -18.71 15.11
C LYS D 3 12.61 -19.55 13.99
N ILE D 4 11.76 -20.24 13.25
CA ILE D 4 12.21 -21.04 12.11
C ILE D 4 12.87 -20.16 11.06
N LEU D 5 12.27 -19.00 10.82
CA LEU D 5 12.78 -18.05 9.84
C LEU D 5 14.23 -17.68 10.15
N HIS D 6 14.52 -17.46 11.42
CA HIS D 6 15.88 -17.10 11.84
C HIS D 6 16.85 -18.23 11.48
N ARG D 7 16.41 -19.47 11.66
CA ARG D 7 17.25 -20.62 11.32
C ARG D 7 17.45 -20.74 9.81
N LEU D 8 16.37 -20.58 9.06
CA LEU D 8 16.43 -20.72 7.60
C LEU D 8 17.29 -19.64 6.95
N LEU D 9 17.31 -18.46 7.56
CA LEU D 9 18.14 -17.37 7.07
C LEU D 9 19.63 -17.68 7.25
N GLN D 10 19.94 -18.58 8.17
CA GLN D 10 21.32 -18.98 8.43
C GLN D 10 21.74 -20.15 7.54
N GLU D 11 20.75 -20.92 7.07
CA GLU D 11 21.03 -22.08 6.25
C GLU D 11 21.08 -21.71 4.76
CAB 27H E . -10.07 7.56 13.40
CAV 27H E . -8.94 7.57 14.38
CAC 27H E . -9.50 7.92 15.77
CAZ 27H E . -8.05 6.25 14.31
CAX 27H E . -7.05 6.23 15.51
OAG 27H E . -7.42 6.15 13.04
CAO 27H E . -8.84 5.02 14.54
CAN 27H E . -8.17 4.31 15.66
CAY 27H E . -6.77 4.76 15.70
CAD 27H E . -6.06 4.02 14.51
CAM 27H E . -6.07 4.50 17.04
CAH 27H E . -4.75 4.86 17.00
CAR 27H E . -4.24 6.11 16.81
CAA 27H E . -2.89 6.21 16.75
CAP 27H E . -5.01 7.24 16.62
CAW 27H E . -5.85 7.16 15.36
OAQ 27H E . -6.32 8.42 15.15
CAS 27H E . -6.03 9.08 14.04
OAE 27H E . -5.36 8.58 13.16
CAU 27H E . -6.68 10.31 13.85
CAK 27H E . -6.55 10.98 12.65
CAI 27H E . -7.20 12.16 12.41
CAT 27H E . -8.01 12.73 13.35
OAF 27H E . -8.64 13.87 13.10
CAJ 27H E . -8.18 12.10 14.57
CAL 27H E . -7.51 10.91 14.78
C1 EDO F . -1.23 23.69 2.75
O1 EDO F . 0.03 24.11 2.18
C2 EDO F . -1.02 22.75 3.90
O2 EDO F . 0.18 23.25 4.44
CAB 27H G . -1.14 -18.26 2.02
CAV 27H G . -2.35 -18.33 1.17
CAC 27H G . -3.06 -19.59 1.59
CAZ 27H G . -3.27 -17.06 1.35
CAX 27H G . -4.49 -17.15 0.36
OAG 27H G . -2.56 -15.92 1.21
CAO 27H G . -3.91 -17.01 2.67
CAN 27H G . -5.35 -16.90 2.46
CAY 27H G . -5.55 -16.37 1.11
CAD 27H G . -5.29 -14.85 1.17
CAM 27H G . -6.91 -16.72 0.66
CAH 27H G . -7.26 -16.25 -0.58
CAR 27H G . -6.60 -16.35 -1.76
CAA 27H G . -7.22 -15.76 -2.84
CAP 27H G . -5.43 -17.09 -1.98
CAW 27H G . -4.24 -16.75 -1.10
OAQ 27H G . -3.14 -17.50 -1.59
CAS 27H G . -2.15 -16.92 -2.20
OAE 27H G . -2.19 -15.78 -2.51
CAU 27H G . -1.08 -17.76 -2.53
CAK 27H G . -1.16 -19.13 -2.29
CAI 27H G . -0.13 -19.99 -2.57
CAT 27H G . 0.99 -19.47 -3.10
OAF 27H G . 1.98 -20.26 -3.37
CAJ 27H G . 1.11 -18.13 -3.36
CAL 27H G . 0.08 -17.28 -3.08
C1 EDO H . 10.60 -13.80 -13.74
O1 EDO H . 10.60 -15.16 -13.41
C2 EDO H . 10.51 -13.71 -15.24
O2 EDO H . 9.63 -14.70 -15.71
#